data_3G7N
#
_entry.id   3G7N
#
_cell.length_a   88.270
_cell.length_b   88.270
_cell.length_c   126.616
_cell.angle_alpha   90.00
_cell.angle_beta   90.00
_cell.angle_gamma   90.00
#
_symmetry.space_group_name_H-M   'P 43 21 2'
#
loop_
_entity.id
_entity.type
_entity.pdbx_description
1 polymer Lipase
2 non-polymer 'SULFATE ION'
3 non-polymer DI(HYDROXYETHYL)ETHER
4 non-polymer 'PENTAETHYLENE GLYCOL'
5 water water
#
_entity_poly.entity_id   1
_entity_poly.type   'polypeptide(L)'
_entity_poly.pdbx_seq_one_letter_code
;ATADAAAFPDLHRAAKLSSAAYTGCIGKAFDVTIVKRIYDLVTDTNGFVGYSTEKKTIAVIMRGSTTITDFVNDIDIALI
TPELSGVTFPSDVKIMRGVHRPWSAVHDTIITEVKALIAKYPDYTLEAVGHSLGGALTSIAHVALAQNFPDKSLVSNALN
AFPIGNQAWADFGTAQAGTFNRGNNVLDGVPNMYSSPLVNFKHYGTEYYSSGTEASTVKCEGQRDKSCSAGNGMYAVTPG
HIASFGVVMLTAGCGYLS
;
_entity_poly.pdbx_strand_id   A,B
#
loop_
_chem_comp.id
_chem_comp.type
_chem_comp.name
_chem_comp.formula
1PE non-polymer 'PENTAETHYLENE GLYCOL' 'C10 H22 O6'
PEG non-polymer DI(HYDROXYETHYL)ETHER 'C4 H10 O3'
SO4 non-polymer 'SULFATE ION' 'O4 S -2'
#
# COMPACT_ATOMS: atom_id res chain seq x y z
N ALA A 1 -24.53 12.99 -29.02
CA ALA A 1 -24.77 12.59 -27.60
C ALA A 1 -26.27 12.63 -27.30
N THR A 2 -26.67 11.90 -26.26
CA THR A 2 -28.07 11.85 -25.85
C THR A 2 -28.18 11.87 -24.33
N ALA A 3 -29.23 12.48 -23.81
CA ALA A 3 -29.44 12.52 -22.38
C ALA A 3 -29.37 11.13 -21.75
N ASP A 4 -28.63 11.03 -20.65
CA ASP A 4 -28.53 9.76 -19.94
C ASP A 4 -28.33 10.02 -18.45
N ALA A 5 -29.32 10.65 -17.82
CA ALA A 5 -29.26 10.97 -16.41
C ALA A 5 -29.00 9.73 -15.56
N ALA A 6 -29.50 8.58 -16.01
CA ALA A 6 -29.39 7.34 -15.26
C ALA A 6 -27.94 6.91 -15.03
N ALA A 7 -27.03 7.38 -15.90
CA ALA A 7 -25.60 7.09 -15.80
C ALA A 7 -24.91 7.84 -14.66
N PHE A 8 -25.53 8.93 -14.21
CA PHE A 8 -24.84 9.87 -13.32
C PHE A 8 -24.49 9.25 -11.96
N PRO A 9 -25.42 8.51 -11.33
CA PRO A 9 -25.07 8.04 -9.99
C PRO A 9 -23.82 7.17 -9.94
N ASP A 10 -23.63 6.29 -10.92
CA ASP A 10 -22.44 5.44 -10.88
C ASP A 10 -21.17 6.25 -11.16
N LEU A 11 -21.27 7.26 -12.02
CA LEU A 11 -20.10 8.05 -12.37
C LEU A 11 -19.75 9.01 -11.24
N HIS A 12 -20.77 9.50 -10.54
CA HIS A 12 -20.59 10.31 -9.35
C HIS A 12 -19.87 9.51 -8.26
N ARG A 13 -20.28 8.26 -8.06
CA ARG A 13 -19.56 7.36 -7.15
C ARG A 13 -18.12 7.16 -7.59
N ALA A 14 -17.91 6.93 -8.88
CA ALA A 14 -16.57 6.74 -9.39
C ALA A 14 -15.70 7.97 -9.09
N ALA A 15 -16.28 9.16 -9.21
CA ALA A 15 -15.54 10.38 -8.93
C ALA A 15 -15.22 10.53 -7.47
N LYS A 16 -16.15 10.12 -6.59
CA LYS A 16 -15.86 10.10 -5.15
C LYS A 16 -14.71 9.15 -4.79
N LEU A 17 -14.72 7.94 -5.36
CA LEU A 17 -13.66 7.00 -5.12
C LEU A 17 -12.32 7.52 -5.64
N SER A 18 -12.37 8.13 -6.82
CA SER A 18 -11.16 8.71 -7.39
C SER A 18 -10.60 9.83 -6.51
N SER A 19 -11.49 10.65 -5.94
CA SER A 19 -11.09 11.70 -5.00
C SER A 19 -10.46 11.11 -3.73
N ALA A 20 -11.06 10.02 -3.24
CA ALA A 20 -10.52 9.32 -2.07
C ALA A 20 -9.09 8.86 -2.30
N ALA A 21 -8.78 8.42 -3.52
CA ALA A 21 -7.44 7.99 -3.83
C ALA A 21 -6.44 9.14 -3.69
N TYR A 22 -6.85 10.35 -4.09
CA TYR A 22 -5.99 11.53 -3.87
C TYR A 22 -5.88 11.87 -2.39
N THR A 23 -6.97 11.73 -1.64
CA THR A 23 -6.98 12.05 -0.22
C THR A 23 -6.13 11.06 0.59
N GLY A 24 -6.03 9.82 0.10
CA GLY A 24 -5.33 8.78 0.84
C GLY A 24 -6.13 8.29 2.03
N CYS A 25 -7.43 8.12 1.81
CA CYS A 25 -8.34 7.62 2.86
C CYS A 25 -7.81 6.38 3.56
N ILE A 26 -8.00 6.34 4.88
CA ILE A 26 -7.59 5.29 5.80
C ILE A 26 -8.74 4.29 5.90
N GLY A 27 -8.45 3.00 5.72
CA GLY A 27 -9.40 1.93 6.05
C GLY A 27 -10.41 1.68 4.94
N LYS A 28 -11.03 2.75 4.46
CA LYS A 28 -12.16 2.66 3.52
C LYS A 28 -12.22 3.90 2.66
N ALA A 29 -12.76 3.73 1.47
CA ALA A 29 -13.10 4.85 0.62
C ALA A 29 -14.56 4.64 0.30
N PHE A 30 -15.42 5.43 0.95
CA PHE A 30 -16.83 5.25 0.80
C PHE A 30 -17.23 3.79 1.04
N ASP A 31 -17.90 3.13 0.10
CA ASP A 31 -18.35 1.76 0.34
C ASP A 31 -17.25 0.70 0.17
N VAL A 32 -16.07 1.11 -0.28
CA VAL A 32 -14.96 0.18 -0.54
C VAL A 32 -14.07 0.05 0.70
N THR A 33 -13.99 -1.16 1.24
CA THR A 33 -13.02 -1.48 2.28
C THR A 33 -11.66 -1.76 1.64
N ILE A 34 -10.64 -0.99 2.04
CA ILE A 34 -9.35 -1.06 1.36
C ILE A 34 -8.49 -2.13 2.02
N VAL A 35 -8.12 -3.14 1.26
CA VAL A 35 -7.36 -4.27 1.80
C VAL A 35 -5.88 -4.18 1.47
N LYS A 36 -5.52 -3.43 0.43
CA LYS A 36 -4.12 -3.36 0.01
C LYS A 36 -3.84 -1.99 -0.57
N ARG A 37 -2.77 -1.35 -0.10
CA ARG A 37 -2.40 -0.03 -0.62
C ARG A 37 -1.21 -0.15 -1.55
N ILE A 38 -1.46 0.22 -2.81
CA ILE A 38 -0.53 0.09 -3.93
C ILE A 38 0.36 1.33 -4.03
N TYR A 39 1.68 1.13 -4.06
CA TYR A 39 2.60 2.26 -4.10
C TYR A 39 3.85 1.92 -4.92
N ASP A 40 4.13 2.77 -5.91
CA ASP A 40 5.46 2.78 -6.57
C ASP A 40 6.08 4.19 -6.57
N LEU A 41 7.16 4.33 -5.80
N LEU A 41 7.14 4.36 -5.77
CA LEU A 41 7.78 5.62 -5.50
CA LEU A 41 7.72 5.68 -5.52
C LEU A 41 8.30 6.30 -6.77
C LEU A 41 8.27 6.31 -6.80
N VAL A 42 9.00 5.53 -7.58
CA VAL A 42 9.75 6.06 -8.72
C VAL A 42 8.82 6.55 -9.82
N THR A 43 7.72 5.82 -10.02
CA THR A 43 6.69 6.23 -10.96
C THR A 43 5.58 7.03 -10.27
N ASP A 44 5.75 7.25 -8.95
CA ASP A 44 4.75 7.90 -8.13
C ASP A 44 3.34 7.32 -8.38
N THR A 45 3.26 6.00 -8.52
CA THR A 45 1.98 5.29 -8.78
C THR A 45 1.38 4.90 -7.44
N ASN A 46 0.13 5.30 -7.21
CA ASN A 46 -0.52 5.04 -5.95
C ASN A 46 -1.92 4.55 -6.28
N GLY A 47 -2.45 3.69 -5.41
CA GLY A 47 -3.85 3.34 -5.52
C GLY A 47 -4.23 2.40 -4.41
N PHE A 48 -5.39 1.78 -4.57
CA PHE A 48 -6.00 0.96 -3.52
C PHE A 48 -6.57 -0.26 -4.22
N VAL A 49 -6.58 -1.38 -3.52
CA VAL A 49 -7.42 -2.51 -3.89
C VAL A 49 -8.26 -2.89 -2.69
N GLY A 50 -9.53 -3.22 -2.94
CA GLY A 50 -10.38 -3.67 -1.84
C GLY A 50 -11.70 -4.18 -2.37
N TYR A 51 -12.68 -4.23 -1.48
CA TYR A 51 -13.98 -4.83 -1.81
C TYR A 51 -15.10 -3.97 -1.24
N SER A 52 -16.23 -4.02 -1.92
CA SER A 52 -17.46 -3.37 -1.47
C SER A 52 -18.51 -4.45 -1.21
N THR A 53 -18.87 -4.59 0.06
CA THR A 53 -19.98 -5.48 0.45
C THR A 53 -21.31 -4.97 -0.11
N GLU A 54 -21.47 -3.66 -0.16
CA GLU A 54 -22.67 -3.01 -0.68
C GLU A 54 -22.85 -3.32 -2.16
N LYS A 55 -21.80 -3.17 -2.96
CA LYS A 55 -21.91 -3.34 -4.40
C LYS A 55 -21.59 -4.77 -4.88
N LYS A 56 -21.06 -5.57 -3.96
CA LYS A 56 -20.52 -6.89 -4.30
C LYS A 56 -19.49 -6.78 -5.41
N THR A 57 -18.53 -5.90 -5.16
CA THR A 57 -17.42 -5.71 -6.11
C THR A 57 -16.08 -5.82 -5.43
N ILE A 58 -15.09 -6.17 -6.24
CA ILE A 58 -13.69 -6.04 -5.90
C ILE A 58 -13.13 -4.94 -6.78
N ALA A 59 -12.54 -3.93 -6.14
CA ALA A 59 -12.25 -2.63 -6.77
C ALA A 59 -10.75 -2.36 -6.78
N VAL A 60 -10.32 -1.82 -7.91
CA VAL A 60 -8.97 -1.27 -8.08
C VAL A 60 -9.09 0.22 -8.37
N ILE A 61 -8.59 1.05 -7.45
CA ILE A 61 -8.79 2.49 -7.52
C ILE A 61 -7.41 3.14 -7.64
N MET A 62 -7.16 3.77 -8.79
CA MET A 62 -5.85 4.34 -9.06
C MET A 62 -5.84 5.85 -8.86
N ARG A 63 -4.78 6.34 -8.25
CA ARG A 63 -4.61 7.79 -8.07
C ARG A 63 -4.04 8.40 -9.32
N GLY A 64 -4.43 9.65 -9.62
CA GLY A 64 -3.68 10.49 -10.56
C GLY A 64 -2.37 11.03 -9.98
N SER A 65 -1.69 11.88 -10.75
CA SER A 65 -0.42 12.49 -10.30
C SER A 65 -0.70 13.42 -9.12
N THR A 66 0.30 13.62 -8.27
CA THR A 66 0.12 14.57 -7.17
C THR A 66 0.28 16.02 -7.63
N THR A 67 0.77 16.20 -8.86
CA THR A 67 0.72 17.49 -9.53
C THR A 67 0.24 17.39 -10.98
N ILE A 68 -0.49 18.40 -11.43
CA ILE A 68 -1.00 18.42 -12.80
C ILE A 68 -0.44 19.57 -13.65
N THR A 69 0.66 20.16 -13.18
CA THR A 69 1.11 21.41 -13.77
C THR A 69 2.01 21.21 -14.99
N ASP A 74 5.82 16.50 -19.66
CA ASP A 74 6.73 15.62 -18.94
C ASP A 74 6.49 14.14 -19.25
N ILE A 75 5.23 13.75 -19.41
CA ILE A 75 4.87 12.35 -19.56
C ILE A 75 5.40 11.75 -20.87
N ASP A 76 5.89 10.53 -20.77
CA ASP A 76 6.60 9.91 -21.88
C ASP A 76 5.60 9.38 -22.91
N ILE A 77 5.54 10.00 -24.09
CA ILE A 77 4.60 9.57 -25.09
C ILE A 77 5.18 8.72 -26.20
N ALA A 78 6.36 8.17 -25.96
CA ALA A 78 6.90 7.13 -26.85
C ALA A 78 6.01 5.90 -26.83
N LEU A 79 5.59 5.43 -27.99
CA LEU A 79 4.81 4.20 -28.08
C LEU A 79 5.72 2.99 -27.99
N ILE A 80 5.35 2.04 -27.14
CA ILE A 80 6.12 0.82 -26.96
C ILE A 80 5.23 -0.42 -27.04
N THR A 81 5.87 -1.55 -27.28
CA THR A 81 5.19 -2.84 -27.22
C THR A 81 5.00 -3.25 -25.76
N PRO A 82 3.73 -3.34 -25.32
CA PRO A 82 3.52 -3.63 -23.90
C PRO A 82 3.69 -5.11 -23.60
N GLU A 83 3.96 -5.41 -22.34
CA GLU A 83 4.08 -6.77 -21.85
C GLU A 83 3.59 -6.80 -20.41
N LEU A 84 2.59 -7.63 -20.15
CA LEU A 84 2.02 -7.77 -18.80
C LEU A 84 1.64 -9.23 -18.56
N SER A 85 1.84 -9.69 -17.33
CA SER A 85 1.49 -11.07 -17.03
C SER A 85 0.01 -11.32 -17.21
N GLY A 86 -0.31 -12.45 -17.85
CA GLY A 86 -1.69 -12.89 -18.02
C GLY A 86 -2.39 -12.19 -19.15
N VAL A 87 -1.69 -11.28 -19.82
CA VAL A 87 -2.25 -10.56 -20.96
C VAL A 87 -1.55 -10.97 -22.25
N THR A 88 -2.33 -11.29 -23.28
CA THR A 88 -1.76 -11.59 -24.60
C THR A 88 -2.13 -10.47 -25.57
N PHE A 89 -1.16 -9.60 -25.83
CA PHE A 89 -1.39 -8.45 -26.73
C PHE A 89 -1.15 -8.87 -28.18
N PRO A 90 -2.04 -8.45 -29.09
CA PRO A 90 -1.67 -8.57 -30.50
C PRO A 90 -0.42 -7.79 -30.83
N SER A 91 0.28 -8.25 -31.87
CA SER A 91 1.61 -7.73 -32.22
C SER A 91 1.62 -6.22 -32.51
N ASP A 92 0.53 -5.73 -33.06
CA ASP A 92 0.49 -4.33 -33.50
C ASP A 92 0.12 -3.33 -32.39
N VAL A 93 -0.23 -3.83 -31.21
CA VAL A 93 -0.67 -2.95 -30.12
C VAL A 93 0.52 -2.18 -29.59
N LYS A 94 0.35 -0.87 -29.47
CA LYS A 94 1.37 -0.04 -28.84
C LYS A 94 0.70 0.89 -27.84
N ILE A 95 1.40 1.11 -26.72
CA ILE A 95 0.90 1.97 -25.64
C ILE A 95 2.02 2.91 -25.26
N MET A 96 1.66 4.11 -24.81
CA MET A 96 2.69 5.05 -24.42
C MET A 96 3.44 4.57 -23.18
N ARG A 97 4.76 4.78 -23.16
CA ARG A 97 5.57 4.33 -22.05
C ARG A 97 5.14 5.00 -20.74
N GLY A 98 4.74 6.26 -20.82
CA GLY A 98 4.34 7.01 -19.63
C GLY A 98 3.14 6.45 -18.89
N VAL A 99 2.40 5.54 -19.50
CA VAL A 99 1.33 4.82 -18.81
C VAL A 99 1.69 3.34 -18.61
N HIS A 100 2.28 2.70 -19.62
CA HIS A 100 2.71 1.32 -19.44
C HIS A 100 3.71 1.15 -18.31
N ARG A 101 4.65 2.08 -18.19
CA ARG A 101 5.67 1.92 -17.15
C ARG A 101 5.08 1.91 -15.74
N PRO A 102 4.32 2.95 -15.36
CA PRO A 102 3.72 2.91 -14.01
C PRO A 102 2.77 1.72 -13.83
N TRP A 103 1.93 1.41 -14.82
CA TRP A 103 1.05 0.24 -14.62
C TRP A 103 1.86 -1.04 -14.42
N SER A 104 2.87 -1.26 -15.24
CA SER A 104 3.64 -2.49 -15.17
C SER A 104 4.36 -2.63 -13.83
N ALA A 105 4.65 -1.51 -13.20
CA ALA A 105 5.28 -1.52 -11.88
C ALA A 105 4.36 -2.12 -10.81
N VAL A 106 3.05 -1.92 -10.94
CA VAL A 106 2.08 -2.33 -9.91
C VAL A 106 1.21 -3.48 -10.35
N HIS A 107 1.32 -3.88 -11.61
CA HIS A 107 0.43 -4.86 -12.20
C HIS A 107 0.37 -6.15 -11.39
N ASP A 108 1.52 -6.77 -11.15
CA ASP A 108 1.53 -8.09 -10.51
C ASP A 108 1.00 -8.02 -9.06
N THR A 109 1.32 -6.95 -8.36
CA THR A 109 0.78 -6.73 -7.02
C THR A 109 -0.74 -6.65 -7.03
N ILE A 110 -1.29 -5.89 -7.97
CA ILE A 110 -2.73 -5.72 -8.07
C ILE A 110 -3.39 -7.05 -8.47
N ILE A 111 -2.90 -7.72 -9.51
CA ILE A 111 -3.48 -8.99 -9.91
C ILE A 111 -3.47 -10.00 -8.76
N THR A 112 -2.38 -10.07 -8.04
CA THR A 112 -2.26 -10.98 -6.90
C THR A 112 -3.31 -10.71 -5.83
N GLU A 113 -3.53 -9.44 -5.51
CA GLU A 113 -4.50 -9.09 -4.49
C GLU A 113 -5.92 -9.32 -4.99
N VAL A 114 -6.20 -8.99 -6.24
CA VAL A 114 -7.53 -9.28 -6.78
C VAL A 114 -7.82 -10.79 -6.74
N LYS A 115 -6.83 -11.61 -7.07
CA LYS A 115 -7.02 -13.05 -7.05
C LYS A 115 -7.29 -13.55 -5.63
N ALA A 116 -6.63 -12.97 -4.65
CA ALA A 116 -6.90 -13.33 -3.28
C ALA A 116 -8.32 -12.91 -2.86
N LEU A 117 -8.76 -11.74 -3.31
CA LEU A 117 -10.10 -11.29 -2.95
C LEU A 117 -11.18 -12.12 -3.64
N ILE A 118 -10.92 -12.53 -4.88
CA ILE A 118 -11.85 -13.41 -5.60
C ILE A 118 -12.05 -14.74 -4.85
N ALA A 119 -10.99 -15.27 -4.26
CA ALA A 119 -11.11 -16.49 -3.46
C ALA A 119 -12.00 -16.31 -2.25
N LYS A 120 -11.96 -15.14 -1.62
CA LYS A 120 -12.74 -14.86 -0.44
C LYS A 120 -14.17 -14.43 -0.78
N TYR A 121 -14.34 -13.75 -1.92
CA TYR A 121 -15.62 -13.20 -2.33
C TYR A 121 -15.93 -13.63 -3.78
N PRO A 122 -16.25 -14.93 -3.98
CA PRO A 122 -16.20 -15.50 -5.31
C PRO A 122 -17.43 -15.13 -6.13
N ASP A 123 -18.41 -14.50 -5.50
CA ASP A 123 -19.59 -14.00 -6.21
C ASP A 123 -19.50 -12.51 -6.58
N TYR A 124 -18.42 -11.85 -6.16
CA TYR A 124 -18.29 -10.41 -6.45
C TYR A 124 -17.81 -10.18 -7.88
N THR A 125 -18.23 -9.06 -8.46
CA THR A 125 -17.73 -8.67 -9.78
C THR A 125 -16.56 -7.68 -9.61
N LEU A 126 -15.96 -7.26 -10.73
CA LEU A 126 -14.75 -6.42 -10.69
C LEU A 126 -15.07 -5.01 -11.12
N GLU A 127 -14.34 -4.05 -10.55
CA GLU A 127 -14.37 -2.69 -11.05
C GLU A 127 -13.03 -2.03 -10.92
N ALA A 128 -12.75 -1.09 -11.83
CA ALA A 128 -11.53 -0.28 -11.79
C ALA A 128 -11.92 1.15 -12.04
N VAL A 129 -11.24 2.08 -11.37
CA VAL A 129 -11.62 3.49 -11.46
C VAL A 129 -10.42 4.37 -11.15
N GLY A 130 -10.44 5.57 -11.73
CA GLY A 130 -9.45 6.57 -11.37
C GLY A 130 -9.61 7.79 -12.23
N HIS A 131 -8.96 8.87 -11.80
CA HIS A 131 -9.07 10.18 -12.44
C HIS A 131 -7.71 10.66 -13.01
N SER A 132 -7.78 11.30 -14.18
CA SER A 132 -6.61 11.92 -14.81
C SER A 132 -5.59 10.83 -15.18
N LEU A 133 -4.34 10.90 -14.72
CA LEU A 133 -3.42 9.79 -14.93
C LEU A 133 -4.00 8.50 -14.35
N GLY A 134 -4.71 8.62 -13.22
CA GLY A 134 -5.43 7.47 -12.67
C GLY A 134 -6.47 6.89 -13.62
N GLY A 135 -7.08 7.74 -14.43
CA GLY A 135 -7.98 7.28 -15.50
C GLY A 135 -7.25 6.62 -16.66
N ALA A 136 -6.11 7.17 -17.03
CA ALA A 136 -5.28 6.53 -18.05
C ALA A 136 -4.83 5.17 -17.54
N LEU A 137 -4.43 5.09 -16.28
CA LEU A 137 -4.06 3.80 -15.70
C LEU A 137 -5.24 2.82 -15.70
N THR A 138 -6.45 3.33 -15.42
CA THR A 138 -7.65 2.50 -15.42
C THR A 138 -7.91 1.94 -16.81
N SER A 139 -7.54 2.67 -17.87
CA SER A 139 -7.75 2.16 -19.22
C SER A 139 -6.87 0.97 -19.55
N ILE A 140 -5.72 0.84 -18.90
CA ILE A 140 -4.94 -0.37 -18.99
C ILE A 140 -5.38 -1.40 -17.96
N ALA A 141 -5.73 -0.97 -16.74
CA ALA A 141 -6.29 -1.90 -15.75
C ALA A 141 -7.46 -2.70 -16.27
N HIS A 142 -8.33 -2.06 -17.05
CA HIS A 142 -9.48 -2.73 -17.63
C HIS A 142 -9.06 -3.97 -18.43
N VAL A 143 -8.06 -3.80 -19.28
CA VAL A 143 -7.55 -4.89 -20.12
C VAL A 143 -6.79 -5.93 -19.28
N ALA A 144 -6.02 -5.47 -18.29
CA ALA A 144 -5.31 -6.37 -17.40
C ALA A 144 -6.30 -7.28 -16.66
N LEU A 145 -7.35 -6.71 -16.11
CA LEU A 145 -8.35 -7.47 -15.39
C LEU A 145 -9.15 -8.40 -16.30
N ALA A 146 -9.58 -7.90 -17.46
CA ALA A 146 -10.35 -8.72 -18.39
C ALA A 146 -9.56 -9.94 -18.81
N GLN A 147 -8.27 -9.77 -19.04
CA GLN A 147 -7.43 -10.85 -19.56
C GLN A 147 -7.07 -11.83 -18.45
N ASN A 148 -6.83 -11.34 -17.23
CA ASN A 148 -6.48 -12.22 -16.13
C ASN A 148 -7.68 -12.91 -15.49
N PHE A 149 -8.85 -12.31 -15.58
CA PHE A 149 -10.05 -12.80 -14.90
C PHE A 149 -11.24 -12.85 -15.86
N PRO A 150 -11.15 -13.73 -16.89
CA PRO A 150 -12.15 -13.72 -17.96
C PRO A 150 -13.53 -14.25 -17.56
N ASP A 151 -13.63 -14.87 -16.39
CA ASP A 151 -14.93 -15.33 -15.89
C ASP A 151 -15.64 -14.36 -14.95
N LYS A 152 -15.15 -13.12 -14.88
CA LYS A 152 -15.76 -12.13 -13.97
C LYS A 152 -16.36 -10.98 -14.77
N SER A 153 -17.55 -10.57 -14.42
N SER A 153 -17.53 -10.53 -14.38
CA SER A 153 -18.09 -9.31 -14.92
CA SER A 153 -18.07 -9.29 -14.92
C SER A 153 -17.18 -8.16 -14.48
C SER A 153 -17.30 -8.09 -14.42
N LEU A 154 -17.09 -7.13 -15.33
CA LEU A 154 -16.10 -6.08 -15.12
C LEU A 154 -16.67 -4.77 -15.66
N VAL A 155 -16.58 -3.72 -14.85
CA VAL A 155 -16.87 -2.34 -15.29
C VAL A 155 -15.75 -1.44 -14.82
N SER A 156 -15.22 -0.66 -15.75
CA SER A 156 -14.13 0.25 -15.43
C SER A 156 -14.57 1.67 -15.78
N ASN A 157 -14.24 2.62 -14.90
CA ASN A 157 -14.60 4.04 -15.10
C ASN A 157 -13.36 4.91 -15.05
N ALA A 158 -12.88 5.29 -16.23
CA ALA A 158 -11.74 6.21 -16.34
C ALA A 158 -12.27 7.63 -16.43
N LEU A 159 -11.89 8.49 -15.48
CA LEU A 159 -12.40 9.85 -15.45
C LEU A 159 -11.36 10.83 -15.97
N ASN A 160 -11.78 11.70 -16.88
CA ASN A 160 -10.96 12.82 -17.34
C ASN A 160 -9.61 12.34 -17.90
N ALA A 161 -9.64 11.28 -18.70
CA ALA A 161 -8.43 10.59 -19.15
C ALA A 161 -8.02 10.96 -20.55
N PHE A 162 -6.70 11.02 -20.75
CA PHE A 162 -6.12 11.10 -22.09
C PHE A 162 -6.03 9.69 -22.70
N PRO A 163 -6.01 9.59 -24.04
CA PRO A 163 -5.86 8.28 -24.69
C PRO A 163 -4.41 7.83 -24.61
N ILE A 164 -4.17 6.51 -24.66
CA ILE A 164 -2.85 6.01 -24.31
C ILE A 164 -2.14 5.16 -25.35
N GLY A 165 -2.77 4.95 -26.50
CA GLY A 165 -2.14 4.06 -27.48
C GLY A 165 -2.65 4.27 -28.87
N ASN A 166 -2.25 3.33 -29.74
CA ASN A 166 -2.60 3.42 -31.15
C ASN A 166 -3.93 2.75 -31.45
N GLN A 167 -4.35 2.74 -32.71
CA GLN A 167 -5.64 2.17 -33.04
C GLN A 167 -5.74 0.69 -32.67
N ALA A 168 -4.63 -0.03 -32.82
CA ALA A 168 -4.65 -1.46 -32.47
C ALA A 168 -4.89 -1.63 -30.97
N TRP A 169 -4.32 -0.72 -30.16
CA TRP A 169 -4.58 -0.71 -28.72
C TRP A 169 -6.05 -0.48 -28.44
N ALA A 170 -6.65 0.53 -29.07
CA ALA A 170 -8.03 0.84 -28.81
C ALA A 170 -8.94 -0.33 -29.20
N ASP A 171 -8.58 -0.97 -30.31
CA ASP A 171 -9.35 -2.12 -30.80
C ASP A 171 -9.26 -3.29 -29.83
N PHE A 172 -8.08 -3.48 -29.27
CA PHE A 172 -7.88 -4.51 -28.26
C PHE A 172 -8.67 -4.22 -27.00
N GLY A 173 -8.71 -2.95 -26.58
CA GLY A 173 -9.54 -2.58 -25.44
C GLY A 173 -11.01 -2.85 -25.71
N THR A 174 -11.48 -2.46 -26.90
CA THR A 174 -12.85 -2.69 -27.29
C THR A 174 -13.21 -4.17 -27.31
N ALA A 175 -12.23 -5.00 -27.67
CA ALA A 175 -12.45 -6.45 -27.79
C ALA A 175 -12.70 -7.14 -26.45
N GLN A 176 -12.21 -6.55 -25.35
CA GLN A 176 -12.38 -7.19 -24.06
C GLN A 176 -13.83 -7.24 -23.63
N ALA A 177 -14.21 -8.39 -23.08
CA ALA A 177 -15.46 -8.46 -22.38
C ALA A 177 -15.35 -7.50 -21.20
N GLY A 178 -16.48 -6.97 -20.77
CA GLY A 178 -16.47 -5.93 -19.74
C GLY A 178 -16.70 -4.57 -20.34
N THR A 179 -17.19 -3.65 -19.52
CA THR A 179 -17.59 -2.33 -19.95
C THR A 179 -16.57 -1.30 -19.49
N PHE A 180 -15.96 -0.61 -20.45
CA PHE A 180 -15.05 0.51 -20.17
C PHE A 180 -15.75 1.83 -20.46
N ASN A 181 -15.88 2.65 -19.42
CA ASN A 181 -16.50 3.97 -19.54
C ASN A 181 -15.45 5.06 -19.39
N ARG A 182 -15.56 6.10 -20.21
CA ARG A 182 -14.73 7.32 -20.05
C ARG A 182 -15.62 8.45 -19.62
N GLY A 183 -15.57 8.82 -18.34
CA GLY A 183 -16.43 9.87 -17.83
C GLY A 183 -15.71 11.19 -17.77
N ASN A 184 -16.17 12.16 -18.57
CA ASN A 184 -15.45 13.43 -18.76
C ASN A 184 -16.25 14.65 -18.33
N ASN A 185 -15.53 15.75 -18.17
CA ASN A 185 -16.11 16.96 -17.61
C ASN A 185 -15.99 18.15 -18.56
N VAL A 186 -16.93 19.08 -18.43
CA VAL A 186 -16.86 20.34 -19.12
C VAL A 186 -15.58 21.08 -18.79
N LEU A 187 -15.10 21.87 -19.76
CA LEU A 187 -13.97 22.77 -19.54
C LEU A 187 -12.67 22.04 -19.25
N ASP A 188 -12.59 20.79 -19.69
CA ASP A 188 -11.40 19.98 -19.48
C ASP A 188 -10.85 19.50 -20.83
N GLY A 189 -9.62 19.89 -21.12
CA GLY A 189 -8.98 19.50 -22.37
C GLY A 189 -8.15 18.23 -22.31
N VAL A 190 -8.01 17.58 -21.16
CA VAL A 190 -7.12 16.42 -21.06
C VAL A 190 -7.52 15.25 -21.98
N PRO A 191 -8.83 15.00 -22.17
CA PRO A 191 -9.19 13.94 -23.11
C PRO A 191 -8.89 14.25 -24.55
N ASN A 192 -8.52 15.50 -24.85
CA ASN A 192 -8.20 15.93 -26.23
C ASN A 192 -6.72 15.88 -26.50
N MET A 193 -5.92 15.55 -25.50
CA MET A 193 -4.49 15.39 -25.74
C MET A 193 -4.24 14.24 -26.69
N TYR A 194 -3.27 14.44 -27.58
CA TYR A 194 -2.75 13.36 -28.43
C TYR A 194 -3.73 13.03 -29.57
N SER A 195 -4.70 13.91 -29.81
CA SER A 195 -5.67 13.74 -30.88
C SER A 195 -5.21 14.26 -32.24
N SER A 196 -4.12 15.01 -32.28
CA SER A 196 -3.65 15.52 -33.59
C SER A 196 -3.32 14.36 -34.53
N PRO A 197 -3.49 14.59 -35.86
CA PRO A 197 -3.22 13.50 -36.81
C PRO A 197 -1.77 13.00 -36.77
N LEU A 198 -0.81 13.88 -36.45
CA LEU A 198 0.58 13.47 -36.41
C LEU A 198 0.94 12.60 -35.20
N VAL A 199 0.11 12.69 -34.15
CA VAL A 199 0.33 11.88 -32.94
C VAL A 199 -0.64 10.71 -32.93
N ASN A 200 -1.94 11.02 -32.98
CA ASN A 200 -2.96 10.07 -33.41
C ASN A 200 -3.17 8.93 -32.42
N PHE A 201 -3.17 9.24 -31.13
CA PHE A 201 -3.61 8.23 -30.14
C PHE A 201 -5.13 8.10 -30.14
N LYS A 202 -5.61 6.94 -29.69
CA LYS A 202 -7.00 6.54 -29.85
C LYS A 202 -7.60 6.10 -28.52
N HIS A 203 -8.79 6.61 -28.27
CA HIS A 203 -9.63 6.19 -27.16
C HIS A 203 -10.38 4.90 -27.49
N TYR A 204 -10.85 4.22 -26.45
CA TYR A 204 -11.92 3.23 -26.60
C TYR A 204 -12.93 3.42 -25.48
N GLY A 205 -14.03 2.68 -25.55
CA GLY A 205 -15.01 2.66 -24.48
C GLY A 205 -16.25 3.46 -24.85
N THR A 206 -17.05 3.77 -23.85
CA THR A 206 -18.21 4.64 -24.03
C THR A 206 -17.96 5.92 -23.23
N GLU A 207 -18.00 7.05 -23.93
CA GLU A 207 -17.78 8.32 -23.26
C GLU A 207 -19.07 8.85 -22.69
N TYR A 208 -19.02 9.36 -21.48
CA TYR A 208 -20.11 10.10 -20.86
C TYR A 208 -19.57 11.48 -20.50
N TYR A 209 -20.46 12.46 -20.37
CA TYR A 209 -20.02 13.84 -20.25
C TYR A 209 -21.04 14.60 -19.42
N SER A 210 -20.59 15.50 -18.56
CA SER A 210 -21.54 16.30 -17.79
C SER A 210 -20.93 17.64 -17.46
N SER A 211 -21.77 18.53 -16.93
CA SER A 211 -21.29 19.74 -16.29
C SER A 211 -21.52 19.67 -14.78
N GLY A 212 -21.57 18.46 -14.23
CA GLY A 212 -21.51 18.28 -12.78
C GLY A 212 -22.84 17.89 -12.16
N THR A 213 -23.86 17.70 -12.99
CA THR A 213 -25.19 17.40 -12.50
C THR A 213 -25.78 16.20 -13.23
N GLU A 214 -26.77 15.56 -12.62
CA GLU A 214 -27.45 14.44 -13.25
C GLU A 214 -28.13 14.89 -14.54
N ALA A 215 -28.79 16.04 -14.48
CA ALA A 215 -29.58 16.53 -15.61
C ALA A 215 -28.72 16.78 -16.84
N SER A 216 -27.47 17.18 -16.61
CA SER A 216 -26.56 17.54 -17.71
C SER A 216 -25.82 16.36 -18.28
N THR A 217 -26.02 15.17 -17.72
CA THR A 217 -25.24 13.99 -18.08
C THR A 217 -25.70 13.39 -19.40
N VAL A 218 -24.76 13.19 -20.32
CA VAL A 218 -25.05 12.60 -21.60
C VAL A 218 -24.20 11.37 -21.87
N LYS A 219 -24.72 10.48 -22.70
CA LYS A 219 -23.96 9.40 -23.29
C LYS A 219 -23.54 9.79 -24.68
N CYS A 220 -22.25 9.75 -24.94
CA CYS A 220 -21.68 10.28 -26.18
C CYS A 220 -21.67 9.21 -27.26
N GLU A 221 -21.70 9.66 -28.51
CA GLU A 221 -21.67 8.75 -29.66
C GLU A 221 -20.25 8.60 -30.18
N GLY A 222 -19.75 7.38 -30.15
CA GLY A 222 -18.40 7.11 -30.65
C GLY A 222 -17.36 7.68 -29.68
N GLN A 223 -16.14 7.81 -30.17
CA GLN A 223 -15.02 8.20 -29.30
C GLN A 223 -14.84 9.72 -29.18
N ARG A 224 -15.25 10.46 -30.21
CA ARG A 224 -14.92 11.87 -30.33
C ARG A 224 -16.17 12.67 -30.71
N ASP A 225 -17.27 12.41 -30.00
CA ASP A 225 -18.51 13.18 -30.18
C ASP A 225 -18.23 14.66 -29.93
N LYS A 226 -18.59 15.53 -30.88
CA LYS A 226 -18.30 16.95 -30.74
C LYS A 226 -19.21 17.64 -29.73
N SER A 227 -20.20 16.92 -29.22
CA SER A 227 -20.98 17.41 -28.09
C SER A 227 -20.34 17.08 -26.74
N CYS A 228 -19.26 16.32 -26.77
CA CYS A 228 -18.60 15.94 -25.53
C CYS A 228 -17.18 16.53 -25.56
N SER A 229 -16.19 15.84 -25.00
CA SER A 229 -14.86 16.44 -24.85
C SER A 229 -14.31 16.98 -26.19
N ALA A 230 -14.42 16.19 -27.26
CA ALA A 230 -13.73 16.54 -28.50
C ALA A 230 -14.13 17.90 -29.03
N GLY A 231 -15.35 18.33 -28.71
CA GLY A 231 -15.86 19.60 -29.23
C GLY A 231 -15.74 20.78 -28.28
N ASN A 232 -15.08 20.59 -27.14
CA ASN A 232 -15.17 21.60 -26.08
C ASN A 232 -14.18 22.76 -26.17
N GLY A 233 -13.32 22.71 -27.18
CA GLY A 233 -12.39 23.81 -27.43
C GLY A 233 -11.22 23.90 -26.47
N MET A 234 -11.05 22.90 -25.61
CA MET A 234 -10.00 22.89 -24.59
C MET A 234 -8.88 21.92 -24.96
N TYR A 235 -7.69 22.20 -24.46
CA TYR A 235 -6.56 21.31 -24.66
C TYR A 235 -5.76 21.23 -23.37
N ALA A 236 -5.44 20.00 -22.95
CA ALA A 236 -4.63 19.75 -21.75
C ALA A 236 -5.29 20.32 -20.50
N VAL A 237 -4.49 20.71 -19.50
CA VAL A 237 -4.99 20.91 -18.14
C VAL A 237 -5.64 22.29 -17.97
N THR A 238 -6.96 22.31 -18.16
CA THR A 238 -7.75 23.52 -18.07
C THR A 238 -8.68 23.37 -16.85
N PRO A 239 -9.45 24.42 -16.51
CA PRO A 239 -10.06 24.47 -15.17
C PRO A 239 -10.96 23.29 -14.83
N GLY A 240 -11.66 22.75 -15.83
CA GLY A 240 -12.56 21.63 -15.58
C GLY A 240 -11.86 20.33 -15.23
N HIS A 241 -10.53 20.26 -15.39
CA HIS A 241 -9.85 18.99 -15.18
C HIS A 241 -9.99 18.50 -13.76
N ILE A 242 -10.08 19.41 -12.79
CA ILE A 242 -10.06 19.06 -11.37
C ILE A 242 -11.37 18.41 -10.90
N ALA A 243 -12.41 18.47 -11.73
CA ALA A 243 -13.72 17.97 -11.29
C ALA A 243 -14.22 16.90 -12.24
N SER A 244 -15.06 16.02 -11.69
CA SER A 244 -15.76 15.04 -12.53
C SER A 244 -17.10 14.70 -11.89
N PHE A 245 -18.17 14.77 -12.68
CA PHE A 245 -19.51 14.40 -12.21
C PHE A 245 -19.83 14.99 -10.84
N GLY A 246 -19.53 16.28 -10.69
CA GLY A 246 -19.97 17.03 -9.52
C GLY A 246 -19.01 16.95 -8.35
N VAL A 247 -17.88 16.27 -8.52
CA VAL A 247 -16.90 16.11 -7.45
C VAL A 247 -15.59 16.80 -7.82
N VAL A 248 -15.16 17.75 -7.00
CA VAL A 248 -13.84 18.35 -7.14
C VAL A 248 -12.84 17.49 -6.40
N MET A 249 -11.84 16.97 -7.12
CA MET A 249 -10.88 16.07 -6.51
C MET A 249 -10.30 16.64 -5.24
N LEU A 250 -10.13 15.77 -4.24
CA LEU A 250 -9.66 16.10 -2.90
C LEU A 250 -10.70 16.66 -1.95
N THR A 251 -11.91 16.91 -2.44
CA THR A 251 -12.93 17.55 -1.58
C THR A 251 -14.04 16.62 -1.14
N ALA A 252 -14.06 15.39 -1.68
CA ALA A 252 -15.07 14.42 -1.32
C ALA A 252 -14.92 13.87 0.10
N GLY A 253 -13.72 13.92 0.65
CA GLY A 253 -13.42 13.14 1.86
C GLY A 253 -13.43 11.65 1.58
N CYS A 254 -13.86 10.88 2.58
CA CYS A 254 -13.72 9.43 2.55
C CYS A 254 -15.04 8.69 2.82
N GLY A 255 -16.11 9.43 3.14
CA GLY A 255 -17.35 8.81 3.60
C GLY A 255 -17.31 8.28 5.04
N TYR A 256 -16.43 8.81 5.87
CA TYR A 256 -16.24 8.24 7.20
C TYR A 256 -17.55 8.22 8.02
N LEU A 257 -18.37 9.25 7.88
CA LEU A 257 -19.58 9.36 8.73
C LEU A 257 -20.86 9.10 7.94
N SER A 258 -20.75 8.41 6.82
CA SER A 258 -21.91 8.08 5.98
C SER A 258 -22.25 6.60 6.11
N ALA B 1 11.71 -16.33 -3.66
CA ALA B 1 12.48 -15.09 -3.30
C ALA B 1 13.24 -14.57 -4.52
N THR B 2 13.67 -13.31 -4.46
CA THR B 2 14.48 -12.71 -5.51
C THR B 2 15.63 -11.91 -4.88
N ALA B 3 16.78 -11.88 -5.54
CA ALA B 3 17.92 -11.11 -5.05
C ALA B 3 17.53 -9.64 -4.84
N ASP B 4 17.91 -9.11 -3.68
CA ASP B 4 17.61 -7.71 -3.36
C ASP B 4 18.70 -7.10 -2.50
N ALA B 5 19.90 -7.03 -3.07
CA ALA B 5 21.05 -6.51 -2.36
C ALA B 5 20.82 -5.09 -1.87
N ALA B 6 20.02 -4.32 -2.62
CA ALA B 6 19.77 -2.93 -2.25
C ALA B 6 18.96 -2.76 -0.96
N ALA B 7 18.29 -3.83 -0.50
CA ALA B 7 17.54 -3.78 0.75
C ALA B 7 18.44 -3.86 1.99
N PHE B 8 19.68 -4.32 1.81
CA PHE B 8 20.53 -4.64 2.94
C PHE B 8 20.91 -3.39 3.76
N PRO B 9 21.26 -2.27 3.11
CA PRO B 9 21.76 -1.18 3.96
C PRO B 9 20.77 -0.70 5.02
N ASP B 10 19.51 -0.52 4.63
CA ASP B 10 18.51 -0.02 5.58
C ASP B 10 18.21 -1.05 6.66
N LEU B 11 18.26 -2.33 6.30
CA LEU B 11 18.03 -3.39 7.29
C LEU B 11 19.23 -3.59 8.22
N HIS B 12 20.44 -3.34 7.70
CA HIS B 12 21.64 -3.35 8.53
C HIS B 12 21.58 -2.20 9.55
N ARG B 13 21.14 -1.01 9.12
CA ARG B 13 20.94 0.08 10.07
C ARG B 13 19.87 -0.27 11.12
N ALA B 14 18.78 -0.90 10.68
CA ALA B 14 17.76 -1.34 11.64
C ALA B 14 18.36 -2.28 12.68
N ALA B 15 19.23 -3.18 12.23
CA ALA B 15 19.85 -4.12 13.13
C ALA B 15 20.77 -3.41 14.14
N LYS B 16 21.49 -2.39 13.66
CA LYS B 16 22.32 -1.61 14.58
C LYS B 16 21.52 -0.86 15.64
N LEU B 17 20.39 -0.29 15.23
CA LEU B 17 19.50 0.38 16.19
C LEU B 17 18.92 -0.62 17.18
N SER B 18 18.57 -1.82 16.68
CA SER B 18 18.01 -2.85 17.56
C SER B 18 19.05 -3.31 18.58
N SER B 19 20.31 -3.43 18.13
CA SER B 19 21.41 -3.78 19.02
C SER B 19 21.60 -2.69 20.10
N ALA B 20 21.52 -1.43 19.69
CA ALA B 20 21.64 -0.31 20.61
C ALA B 20 20.59 -0.35 21.69
N ALA B 21 19.40 -0.83 21.37
CA ALA B 21 18.36 -0.99 22.39
C ALA B 21 18.78 -2.03 23.41
N TYR B 22 19.35 -3.17 22.98
CA TYR B 22 19.84 -4.16 23.93
C TYR B 22 20.95 -3.57 24.81
N THR B 23 21.84 -2.80 24.20
CA THR B 23 22.96 -2.19 24.92
C THR B 23 22.49 -1.18 25.95
N GLY B 24 21.36 -0.54 25.70
CA GLY B 24 20.90 0.53 26.58
C GLY B 24 21.71 1.81 26.36
N CYS B 25 22.06 2.06 25.11
CA CYS B 25 22.77 3.29 24.75
C CYS B 25 22.18 4.53 25.40
N ILE B 26 23.05 5.38 25.93
CA ILE B 26 22.66 6.66 26.51
C ILE B 26 22.78 7.78 25.48
N GLY B 27 21.76 8.62 25.40
CA GLY B 27 21.86 9.87 24.66
C GLY B 27 21.63 9.75 23.16
N LYS B 28 22.30 8.79 22.53
CA LYS B 28 22.15 8.55 21.10
C LYS B 28 22.26 7.05 20.81
N ALA B 29 21.53 6.62 19.79
CA ALA B 29 21.68 5.30 19.19
C ALA B 29 21.99 5.54 17.73
N PHE B 30 23.27 5.49 17.38
CA PHE B 30 23.72 5.81 16.05
C PHE B 30 23.18 7.18 15.64
N ASP B 31 22.47 7.28 14.52
CA ASP B 31 22.05 8.61 14.04
C ASP B 31 20.80 9.10 14.76
N VAL B 32 20.23 8.31 15.67
CA VAL B 32 19.05 8.73 16.42
C VAL B 32 19.44 9.36 17.75
N THR B 33 19.01 10.59 17.94
CA THR B 33 19.11 11.26 19.23
C THR B 33 17.94 10.85 20.10
N ILE B 34 18.24 10.28 21.26
CA ILE B 34 17.21 9.73 22.13
C ILE B 34 16.60 10.84 22.99
N VAL B 35 15.29 11.01 22.89
CA VAL B 35 14.62 12.06 23.67
C VAL B 35 13.79 11.47 24.79
N LYS B 36 13.48 10.18 24.70
CA LYS B 36 12.75 9.52 25.78
C LYS B 36 13.14 8.06 25.92
N ARG B 37 13.51 7.68 27.14
CA ARG B 37 13.82 6.28 27.44
C ARG B 37 12.55 5.61 27.92
N ILE B 38 12.12 4.59 27.17
CA ILE B 38 10.92 3.84 27.53
C ILE B 38 11.26 2.66 28.45
N TYR B 39 10.60 2.61 29.59
CA TYR B 39 10.84 1.55 30.56
C TYR B 39 9.58 1.27 31.35
N ASP B 40 9.11 0.04 31.27
CA ASP B 40 8.06 -0.44 32.15
C ASP B 40 8.57 -1.61 32.98
N LEU B 41 8.69 -1.41 34.30
CA LEU B 41 9.30 -2.40 35.18
C LEU B 41 8.45 -3.64 35.19
N VAL B 42 7.12 -3.43 35.26
CA VAL B 42 6.18 -4.52 35.42
C VAL B 42 6.26 -5.47 34.23
N THR B 43 6.25 -4.92 33.03
CA THR B 43 6.29 -5.76 31.82
C THR B 43 7.71 -5.96 31.29
N ASP B 44 8.72 -5.45 31.99
CA ASP B 44 10.11 -5.33 31.52
C ASP B 44 10.24 -4.91 30.07
N THR B 45 9.47 -3.92 29.70
CA THR B 45 9.49 -3.38 28.33
C THR B 45 10.46 -2.21 28.27
N ASN B 46 11.36 -2.24 27.29
CA ASN B 46 12.44 -1.27 27.18
C ASN B 46 12.46 -0.77 25.73
N GLY B 47 12.77 0.49 25.54
CA GLY B 47 13.03 1.02 24.20
C GLY B 47 13.40 2.50 24.26
N PHE B 48 13.41 3.12 23.10
CA PHE B 48 13.77 4.54 22.96
C PHE B 48 12.75 5.18 22.05
N VAL B 49 12.53 6.48 22.25
CA VAL B 49 11.93 7.33 21.22
C VAL B 49 12.90 8.49 20.98
N GLY B 50 13.04 8.88 19.72
CA GLY B 50 13.87 10.03 19.41
C GLY B 50 13.80 10.38 17.94
N TYR B 51 14.79 11.14 17.47
CA TYR B 51 14.76 11.69 16.13
C TYR B 51 16.12 11.57 15.48
N SER B 52 16.11 11.48 14.15
CA SER B 52 17.34 11.48 13.37
C SER B 52 17.32 12.65 12.41
N THR B 53 18.28 13.54 12.58
CA THR B 53 18.41 14.65 11.63
C THR B 53 18.98 14.18 10.30
N GLU B 54 19.79 13.13 10.34
CA GLU B 54 20.37 12.56 9.12
C GLU B 54 19.27 11.99 8.23
N LYS B 55 18.36 11.21 8.83
CA LYS B 55 17.33 10.52 8.08
C LYS B 55 16.04 11.33 7.98
N LYS B 56 15.92 12.37 8.83
CA LYS B 56 14.68 13.14 8.97
C LYS B 56 13.54 12.23 9.38
N THR B 57 13.79 11.51 10.47
CA THR B 57 12.81 10.60 11.03
C THR B 57 12.61 10.83 12.50
N ILE B 58 11.45 10.42 12.96
CA ILE B 58 11.16 10.23 14.35
C ILE B 58 10.99 8.72 14.55
N ALA B 59 11.78 8.18 15.47
CA ALA B 59 11.97 6.73 15.59
C ALA B 59 11.46 6.21 16.93
N VAL B 60 10.88 5.01 16.87
CA VAL B 60 10.54 4.22 18.02
C VAL B 60 11.33 2.91 17.93
N ILE B 61 12.21 2.68 18.90
CA ILE B 61 13.13 1.55 18.84
C ILE B 61 12.87 0.68 20.08
N MET B 62 12.40 -0.55 19.87
CA MET B 62 12.08 -1.44 20.97
C MET B 62 13.14 -2.52 21.21
N ARG B 63 13.40 -2.82 22.47
CA ARG B 63 14.32 -3.91 22.82
C ARG B 63 13.59 -5.24 22.81
N GLY B 64 14.30 -6.32 22.48
CA GLY B 64 13.85 -7.67 22.77
C GLY B 64 14.06 -8.05 24.22
N SER B 65 13.90 -9.33 24.51
CA SER B 65 13.82 -9.83 25.88
C SER B 65 15.17 -9.76 26.56
N THR B 66 15.11 -9.63 27.88
CA THR B 66 16.27 -9.79 28.78
C THR B 66 16.96 -11.14 28.67
N THR B 67 16.17 -12.20 28.63
CA THR B 67 16.74 -13.53 28.59
C THR B 67 16.21 -14.20 27.34
N ILE B 68 17.02 -14.11 26.29
CA ILE B 68 16.56 -14.48 24.96
C ILE B 68 16.18 -15.96 24.82
N THR B 69 16.80 -16.82 25.62
CA THR B 69 16.51 -18.25 25.45
C THR B 69 15.22 -18.66 26.18
N ASP B 70 14.89 -17.93 27.24
CA ASP B 70 13.81 -18.34 28.12
C ASP B 70 12.43 -17.73 27.82
N PHE B 71 12.39 -16.57 27.15
CA PHE B 71 11.13 -15.82 27.04
C PHE B 71 10.02 -16.60 26.32
N VAL B 72 10.39 -17.48 25.40
CA VAL B 72 9.39 -18.27 24.69
C VAL B 72 8.58 -19.20 25.59
N ASN B 73 9.16 -19.63 26.69
CA ASN B 73 8.49 -20.60 27.55
C ASN B 73 7.40 -19.99 28.41
N ASP B 74 7.46 -18.68 28.58
CA ASP B 74 6.63 -17.97 29.54
C ASP B 74 5.56 -17.19 28.80
N ILE B 75 5.85 -16.81 27.57
CA ILE B 75 5.09 -15.76 26.92
C ILE B 75 3.64 -16.22 26.74
N ASP B 76 2.69 -15.32 26.98
CA ASP B 76 1.28 -15.65 26.96
C ASP B 76 0.77 -15.63 25.52
N ILE B 77 0.38 -16.79 25.00
CA ILE B 77 -0.09 -16.89 23.63
C ILE B 77 -1.61 -16.78 23.49
N ALA B 78 -2.32 -16.56 24.59
CA ALA B 78 -3.76 -16.39 24.49
C ALA B 78 -4.12 -15.25 23.56
N LEU B 79 -5.05 -15.49 22.65
CA LEU B 79 -5.50 -14.45 21.74
C LEU B 79 -6.55 -13.60 22.42
N ILE B 80 -6.35 -12.28 22.42
CA ILE B 80 -7.28 -11.34 23.03
C ILE B 80 -7.73 -10.29 22.03
N THR B 81 -8.82 -9.60 22.34
CA THR B 81 -9.28 -8.46 21.54
C THR B 81 -8.51 -7.23 21.97
N PRO B 82 -7.75 -6.64 21.04
CA PRO B 82 -6.88 -5.56 21.48
C PRO B 82 -7.63 -4.25 21.69
N GLU B 83 -7.02 -3.32 22.41
CA GLU B 83 -7.56 -1.98 22.61
C GLU B 83 -6.39 -1.01 22.81
N LEU B 84 -6.29 0.00 21.98
CA LEU B 84 -5.18 0.95 22.07
C LEU B 84 -5.70 2.32 21.68
N SER B 85 -5.32 3.34 22.43
CA SER B 85 -5.84 4.68 22.14
C SER B 85 -5.49 5.07 20.73
N GLY B 86 -6.47 5.59 19.99
CA GLY B 86 -6.25 6.10 18.65
C GLY B 86 -6.29 5.05 17.56
N VAL B 87 -6.50 3.79 17.95
CA VAL B 87 -6.50 2.73 16.97
C VAL B 87 -7.91 2.11 16.89
N THR B 88 -8.42 1.95 15.68
CA THR B 88 -9.72 1.30 15.45
C THR B 88 -9.59 -0.08 14.81
N PHE B 89 -9.69 -1.14 15.61
CA PHE B 89 -9.57 -2.49 15.09
C PHE B 89 -10.90 -3.00 14.54
N PRO B 90 -10.86 -3.78 13.45
CA PRO B 90 -12.01 -4.62 13.09
C PRO B 90 -12.30 -5.67 14.16
N SER B 91 -13.55 -6.06 14.29
N SER B 91 -13.56 -6.04 14.29
CA SER B 91 -13.99 -6.89 15.41
CA SER B 91 -13.98 -6.89 15.41
C SER B 91 -13.27 -8.24 15.49
C SER B 91 -13.22 -8.20 15.49
N ASP B 92 -12.93 -8.80 14.34
CA ASP B 92 -12.35 -10.13 14.31
C ASP B 92 -10.86 -10.17 14.67
N VAL B 93 -10.20 -9.01 14.73
CA VAL B 93 -8.76 -8.97 15.00
C VAL B 93 -8.50 -9.49 16.43
N LYS B 94 -7.56 -10.41 16.54
CA LYS B 94 -7.06 -10.84 17.84
C LYS B 94 -5.54 -10.84 17.80
N ILE B 95 -4.94 -10.50 18.93
CA ILE B 95 -3.48 -10.46 19.08
C ILE B 95 -3.11 -11.23 20.35
N MET B 96 -1.95 -11.87 20.40
CA MET B 96 -1.55 -12.56 21.61
C MET B 96 -1.35 -11.58 22.76
N ARG B 97 -1.81 -11.97 23.94
CA ARG B 97 -1.68 -11.13 25.12
C ARG B 97 -0.23 -10.84 25.46
N GLY B 98 0.65 -11.79 25.18
CA GLY B 98 2.07 -11.61 25.52
C GLY B 98 2.79 -10.53 24.73
N VAL B 99 2.17 -10.01 23.66
CA VAL B 99 2.69 -8.84 22.97
C VAL B 99 1.82 -7.62 23.19
N HIS B 100 0.49 -7.81 23.14
CA HIS B 100 -0.40 -6.69 23.38
C HIS B 100 -0.21 -6.08 24.77
N ARG B 101 -0.04 -6.91 25.79
CA ARG B 101 0.08 -6.39 27.15
C ARG B 101 1.30 -5.46 27.33
N PRO B 102 2.52 -5.90 26.97
CA PRO B 102 3.65 -4.99 27.12
C PRO B 102 3.54 -3.75 26.23
N TRP B 103 3.02 -3.89 25.02
CA TRP B 103 2.84 -2.71 24.17
C TRP B 103 1.86 -1.73 24.80
N SER B 104 0.75 -2.27 25.30
CA SER B 104 -0.31 -1.40 25.83
C SER B 104 0.19 -0.63 27.06
N ALA B 105 1.18 -1.17 27.77
CA ALA B 105 1.73 -0.49 28.94
C ALA B 105 2.50 0.78 28.57
N VAL B 106 3.10 0.78 27.38
CA VAL B 106 3.98 1.88 26.93
C VAL B 106 3.37 2.69 25.80
N HIS B 107 2.23 2.26 25.28
CA HIS B 107 1.62 2.84 24.10
C HIS B 107 1.42 4.34 24.25
N ASP B 108 0.71 4.73 25.31
CA ASP B 108 0.38 6.13 25.52
C ASP B 108 1.62 6.98 25.72
N THR B 109 2.60 6.47 26.46
CA THR B 109 3.87 7.19 26.59
C THR B 109 4.50 7.46 25.22
N ILE B 110 4.56 6.43 24.40
CA ILE B 110 5.21 6.52 23.11
C ILE B 110 4.44 7.45 22.17
N ILE B 111 3.13 7.28 22.10
CA ILE B 111 2.31 8.15 21.24
C ILE B 111 2.40 9.62 21.66
N THR B 112 2.47 9.86 22.96
CA THR B 112 2.59 11.23 23.48
C THR B 112 3.94 11.84 23.08
N GLU B 113 5.01 11.06 23.21
CA GLU B 113 6.32 11.54 22.81
C GLU B 113 6.42 11.79 21.30
N VAL B 114 5.91 10.85 20.50
CA VAL B 114 5.94 11.02 19.07
C VAL B 114 5.15 12.26 18.67
N LYS B 115 4.02 12.50 19.34
CA LYS B 115 3.24 13.69 19.03
C LYS B 115 4.02 14.98 19.33
N ALA B 116 4.74 14.99 20.44
CA ALA B 116 5.59 16.12 20.78
C ALA B 116 6.74 16.34 19.80
N LEU B 117 7.34 15.24 19.33
CA LEU B 117 8.40 15.34 18.34
C LEU B 117 7.89 15.82 17.00
N ILE B 118 6.69 15.40 16.62
CA ILE B 118 6.09 15.88 15.38
C ILE B 118 5.92 17.41 15.39
N ALA B 119 5.61 17.96 16.57
CA ALA B 119 5.47 19.41 16.70
C ALA B 119 6.83 20.10 16.51
N LYS B 120 7.88 19.49 17.01
CA LYS B 120 9.24 20.03 16.91
C LYS B 120 9.88 19.80 15.53
N TYR B 121 9.50 18.71 14.85
CA TYR B 121 10.14 18.30 13.61
C TYR B 121 9.11 17.99 12.53
N PRO B 122 8.39 19.03 12.07
CA PRO B 122 7.12 18.80 11.36
C PRO B 122 7.28 18.14 9.99
N ASP B 123 8.46 18.17 9.38
CA ASP B 123 8.64 17.52 8.09
C ASP B 123 9.20 16.09 8.19
N TYR B 124 9.49 15.63 9.41
CA TYR B 124 10.11 14.31 9.59
C TYR B 124 9.07 13.19 9.40
N THR B 125 9.53 12.06 8.89
CA THR B 125 8.68 10.88 8.74
C THR B 125 8.90 9.96 9.95
N LEU B 126 8.15 8.85 10.01
CA LEU B 126 8.14 7.98 11.19
C LEU B 126 8.81 6.65 10.85
N GLU B 127 9.47 6.07 11.86
CA GLU B 127 9.99 4.71 11.73
C GLU B 127 9.89 4.00 13.06
N ALA B 128 9.73 2.68 12.98
CA ALA B 128 9.74 1.83 14.16
C ALA B 128 10.60 0.60 13.87
N VAL B 129 11.34 0.15 14.87
CA VAL B 129 12.30 -0.94 14.66
C VAL B 129 12.53 -1.68 15.96
N GLY B 130 12.86 -2.96 15.84
CA GLY B 130 13.31 -3.75 17.00
C GLY B 130 13.51 -5.19 16.60
N HIS B 131 14.18 -5.95 17.48
CA HIS B 131 14.57 -7.33 17.22
C HIS B 131 13.87 -8.26 18.23
N SER B 132 13.50 -9.43 17.74
CA SER B 132 12.92 -10.50 18.56
C SER B 132 11.58 -10.05 19.14
N LEU B 133 11.40 -10.08 20.46
CA LEU B 133 10.22 -9.47 21.04
C LEU B 133 10.12 -7.99 20.67
N GLY B 134 11.27 -7.34 20.45
CA GLY B 134 11.27 -5.95 19.98
C GLY B 134 10.71 -5.84 18.56
N GLY B 135 10.88 -6.88 17.76
CA GLY B 135 10.27 -6.94 16.42
C GLY B 135 8.78 -7.22 16.49
N ALA B 136 8.37 -8.14 17.36
CA ALA B 136 6.95 -8.36 17.60
C ALA B 136 6.28 -7.09 18.09
N LEU B 137 6.90 -6.35 19.00
CA LEU B 137 6.36 -5.08 19.44
C LEU B 137 6.31 -4.08 18.29
N THR B 138 7.31 -4.09 17.43
CA THR B 138 7.32 -3.22 16.26
C THR B 138 6.15 -3.51 15.34
N SER B 139 5.73 -4.78 15.23
CA SER B 139 4.59 -5.10 14.40
C SER B 139 3.28 -4.49 14.90
N ILE B 140 3.18 -4.25 16.21
CA ILE B 140 2.06 -3.45 16.75
C ILE B 140 2.33 -1.96 16.65
N ALA B 141 3.56 -1.52 16.93
CA ALA B 141 3.90 -0.11 16.78
C ALA B 141 3.53 0.40 15.40
N HIS B 142 3.78 -0.39 14.37
CA HIS B 142 3.47 0.02 13.00
C HIS B 142 2.00 0.45 12.88
N VAL B 143 1.10 -0.39 13.37
CA VAL B 143 -0.33 -0.09 13.31
C VAL B 143 -0.67 1.08 14.24
N ALA B 144 -0.06 1.13 15.42
CA ALA B 144 -0.30 2.22 16.37
C ALA B 144 0.07 3.58 15.78
N LEU B 145 1.18 3.63 15.05
CA LEU B 145 1.66 4.87 14.46
C LEU B 145 0.84 5.23 13.22
N ALA B 146 0.53 4.23 12.41
CA ALA B 146 -0.29 4.47 11.23
C ALA B 146 -1.64 5.07 11.60
N GLN B 147 -2.25 4.52 12.64
CA GLN B 147 -3.58 4.96 13.04
C GLN B 147 -3.57 6.29 13.77
N ASN B 148 -2.58 6.52 14.61
CA ASN B 148 -2.48 7.76 15.36
C ASN B 148 -1.98 8.96 14.54
N PHE B 149 -1.19 8.69 13.52
CA PHE B 149 -0.52 9.74 12.74
C PHE B 149 -0.67 9.45 11.26
N PRO B 150 -1.89 9.57 10.74
CA PRO B 150 -2.12 9.18 9.37
C PRO B 150 -1.58 10.20 8.36
N ASP B 151 -1.16 11.37 8.84
CA ASP B 151 -0.55 12.35 7.96
C ASP B 151 0.96 12.17 7.73
N LYS B 152 1.53 11.10 8.29
CA LYS B 152 2.97 10.90 8.22
C LYS B 152 3.35 9.63 7.45
N SER B 153 4.35 9.73 6.59
N SER B 153 4.38 9.73 6.63
CA SER B 153 4.98 8.54 6.01
CA SER B 153 5.00 8.54 6.02
C SER B 153 5.57 7.67 7.12
C SER B 153 5.67 7.66 7.08
N LEU B 154 5.59 6.35 6.88
CA LEU B 154 5.94 5.39 7.93
C LEU B 154 6.63 4.17 7.34
N VAL B 155 7.78 3.81 7.92
CA VAL B 155 8.44 2.54 7.59
C VAL B 155 8.82 1.85 8.90
N SER B 156 8.42 0.58 9.02
CA SER B 156 8.74 -0.20 10.22
C SER B 156 9.54 -1.44 9.84
N ASN B 157 10.56 -1.73 10.63
CA ASN B 157 11.47 -2.87 10.39
C ASN B 157 11.50 -3.76 11.62
N ALA B 158 10.74 -4.85 11.55
CA ALA B 158 10.73 -5.87 12.62
C ALA B 158 11.73 -6.94 12.27
N LEU B 159 12.72 -7.11 13.13
CA LEU B 159 13.78 -8.09 12.88
C LEU B 159 13.59 -9.37 13.66
N ASN B 160 13.71 -10.48 12.96
CA ASN B 160 13.72 -11.82 13.61
C ASN B 160 12.47 -12.00 14.46
N ALA B 161 11.31 -11.58 13.94
CA ALA B 161 10.07 -11.52 14.74
C ALA B 161 9.18 -12.76 14.54
N PHE B 162 8.53 -13.17 15.61
CA PHE B 162 7.43 -14.15 15.56
C PHE B 162 6.11 -13.42 15.21
N PRO B 163 5.15 -14.15 14.61
CA PRO B 163 3.85 -13.57 14.30
C PRO B 163 3.01 -13.47 15.57
N ILE B 164 2.05 -12.54 15.61
CA ILE B 164 1.45 -12.18 16.89
C ILE B 164 -0.07 -12.22 16.93
N GLY B 165 -0.72 -12.61 15.84
CA GLY B 165 -2.18 -12.57 15.82
C GLY B 165 -2.76 -13.43 14.73
N ASN B 166 -4.09 -13.34 14.62
CA ASN B 166 -4.82 -14.16 13.67
C ASN B 166 -4.79 -13.59 12.25
N GLN B 167 -5.48 -14.23 11.32
CA GLN B 167 -5.47 -13.73 9.95
C GLN B 167 -6.10 -12.35 9.86
N ALA B 168 -7.11 -12.10 10.66
CA ALA B 168 -7.72 -10.78 10.70
C ALA B 168 -6.69 -9.70 11.11
N TRP B 169 -5.90 -10.00 12.14
CA TRP B 169 -4.80 -9.12 12.54
C TRP B 169 -3.86 -8.83 11.37
N ALA B 170 -3.39 -9.88 10.71
CA ALA B 170 -2.47 -9.71 9.58
C ALA B 170 -3.10 -8.87 8.48
N ASP B 171 -4.38 -9.10 8.20
CA ASP B 171 -5.08 -8.30 7.17
C ASP B 171 -5.19 -6.83 7.58
N PHE B 172 -5.41 -6.56 8.85
CA PHE B 172 -5.44 -5.20 9.34
C PHE B 172 -4.06 -4.55 9.18
N GLY B 173 -3.01 -5.27 9.56
CA GLY B 173 -1.64 -4.78 9.35
C GLY B 173 -1.40 -4.41 7.91
N THR B 174 -1.72 -5.32 7.00
CA THR B 174 -1.56 -5.10 5.57
C THR B 174 -2.33 -3.87 5.08
N ALA B 175 -3.50 -3.63 5.67
CA ALA B 175 -4.34 -2.51 5.25
C ALA B 175 -3.87 -1.14 5.73
N GLN B 176 -2.83 -1.08 6.56
CA GLN B 176 -2.35 0.22 7.02
C GLN B 176 -1.49 0.88 5.96
N ALA B 177 -1.63 2.19 5.83
CA ALA B 177 -0.65 2.95 5.07
C ALA B 177 0.71 2.84 5.77
N GLY B 178 1.77 2.84 4.98
CA GLY B 178 3.10 2.66 5.55
C GLY B 178 3.64 1.29 5.14
N THR B 179 4.95 1.11 5.28
CA THR B 179 5.59 -0.11 4.82
C THR B 179 6.11 -0.86 6.04
N PHE B 180 5.64 -2.09 6.22
CA PHE B 180 6.13 -2.98 7.26
C PHE B 180 7.01 -4.06 6.67
N ASN B 181 8.25 -4.10 7.14
CA ASN B 181 9.25 -5.08 6.69
C ASN B 181 9.59 -6.04 7.82
N ARG B 182 9.73 -7.31 7.47
CA ARG B 182 10.20 -8.34 8.41
C ARG B 182 11.59 -8.80 7.96
N GLY B 183 12.64 -8.34 8.63
CA GLY B 183 13.99 -8.67 8.25
C GLY B 183 14.48 -9.84 9.07
N ASN B 184 14.73 -10.97 8.41
CA ASN B 184 15.04 -12.22 9.10
C ASN B 184 16.43 -12.73 8.77
N ASN B 185 16.90 -13.65 9.60
CA ASN B 185 18.25 -14.17 9.51
C ASN B 185 18.28 -15.69 9.31
N VAL B 186 19.32 -16.15 8.64
CA VAL B 186 19.62 -17.57 8.58
C VAL B 186 19.69 -18.23 9.95
N LEU B 187 19.31 -19.49 10.00
CA LEU B 187 19.51 -20.34 11.17
C LEU B 187 18.64 -19.93 12.35
N ASP B 188 17.60 -19.14 12.08
CA ASP B 188 16.73 -18.62 13.15
C ASP B 188 15.31 -19.14 12.96
N GLY B 189 14.78 -19.86 13.93
CA GLY B 189 13.42 -20.38 13.88
C GLY B 189 12.34 -19.50 14.51
N VAL B 190 12.70 -18.33 15.03
CA VAL B 190 11.70 -17.51 15.72
C VAL B 190 10.54 -17.05 14.81
N PRO B 191 10.82 -16.73 13.53
CA PRO B 191 9.69 -16.36 12.67
C PRO B 191 8.76 -17.53 12.35
N ASN B 192 9.20 -18.75 12.66
CA ASN B 192 8.38 -19.96 12.44
C ASN B 192 7.55 -20.33 13.65
N MET B 193 7.68 -19.62 14.75
CA MET B 193 6.83 -19.89 15.89
C MET B 193 5.39 -19.71 15.53
N TYR B 194 4.52 -20.54 16.12
CA TYR B 194 3.10 -20.34 16.08
C TYR B 194 2.51 -20.61 14.70
N SER B 195 3.26 -21.35 13.89
CA SER B 195 2.82 -21.71 12.55
C SER B 195 2.06 -23.02 12.49
N SER B 196 1.99 -23.75 13.60
CA SER B 196 1.17 -24.95 13.58
C SER B 196 -0.28 -24.52 13.32
N PRO B 197 -1.05 -25.39 12.64
CA PRO B 197 -2.47 -25.05 12.51
C PRO B 197 -3.26 -24.94 13.81
N LEU B 198 -2.80 -25.58 14.88
CA LEU B 198 -3.48 -25.47 16.17
C LEU B 198 -3.31 -24.10 16.82
N VAL B 199 -2.32 -23.35 16.35
CA VAL B 199 -2.10 -22.01 16.86
C VAL B 199 -2.40 -21.00 15.76
N ASN B 200 -1.68 -21.10 14.65
CA ASN B 200 -2.11 -20.53 13.38
C ASN B 200 -1.97 -19.01 13.33
N PHE B 201 -0.94 -18.48 13.97
CA PHE B 201 -0.72 -17.02 13.91
C PHE B 201 -0.14 -16.65 12.56
N LYS B 202 -0.42 -15.42 12.15
CA LYS B 202 -0.12 -14.96 10.79
C LYS B 202 0.74 -13.71 10.77
N HIS B 203 1.70 -13.70 9.85
CA HIS B 203 2.55 -12.52 9.57
C HIS B 203 1.86 -11.58 8.61
N TYR B 204 2.31 -10.32 8.61
CA TYR B 204 2.06 -9.42 7.47
C TYR B 204 3.37 -8.73 7.12
N GLY B 205 3.35 -7.99 6.02
CA GLY B 205 4.52 -7.23 5.59
C GLY B 205 5.29 -7.86 4.46
N THR B 206 6.49 -7.34 4.24
CA THR B 206 7.38 -7.93 3.25
C THR B 206 8.56 -8.53 3.99
N GLU B 207 8.78 -9.84 3.80
CA GLU B 207 9.92 -10.49 4.43
C GLU B 207 11.17 -10.32 3.57
N TYR B 208 12.29 -10.05 4.23
CA TYR B 208 13.63 -10.06 3.64
C TYR B 208 14.43 -11.06 4.44
N TYR B 209 15.49 -11.59 3.84
CA TYR B 209 16.25 -12.68 4.47
C TYR B 209 17.70 -12.51 4.04
N SER B 210 18.65 -12.74 4.94
CA SER B 210 20.05 -12.65 4.60
C SER B 210 20.86 -13.60 5.47
N SER B 211 22.09 -13.87 5.02
CA SER B 211 23.07 -14.51 5.88
C SER B 211 24.12 -13.54 6.40
N GLY B 212 23.81 -12.25 6.38
CA GLY B 212 24.64 -11.25 7.05
C GLY B 212 25.41 -10.38 6.09
N THR B 213 25.17 -10.52 4.79
CA THR B 213 25.83 -9.69 3.79
C THR B 213 24.83 -9.15 2.78
N GLU B 214 25.25 -8.12 2.05
CA GLU B 214 24.45 -7.56 1.00
C GLU B 214 24.23 -8.56 -0.13
N ALA B 215 25.27 -9.34 -0.46
CA ALA B 215 25.17 -10.28 -1.58
C ALA B 215 24.22 -11.45 -1.29
N SER B 216 23.94 -11.70 -0.01
CA SER B 216 23.09 -12.82 0.39
C SER B 216 21.65 -12.39 0.64
N THR B 217 21.32 -11.13 0.39
CA THR B 217 20.02 -10.59 0.78
C THR B 217 18.97 -10.80 -0.30
N VAL B 218 17.83 -11.38 0.08
CA VAL B 218 16.69 -11.57 -0.81
C VAL B 218 15.44 -10.92 -0.27
N LYS B 219 14.57 -10.53 -1.19
CA LYS B 219 13.19 -10.19 -0.90
C LYS B 219 12.34 -11.43 -1.12
N CYS B 220 11.55 -11.79 -0.11
CA CYS B 220 10.81 -13.05 -0.11
C CYS B 220 9.46 -12.84 -0.76
N GLU B 221 8.89 -13.91 -1.28
CA GLU B 221 7.56 -13.86 -1.87
C GLU B 221 6.50 -14.30 -0.87
N GLY B 222 5.54 -13.42 -0.62
CA GLY B 222 4.48 -13.70 0.34
C GLY B 222 5.03 -13.76 1.77
N GLN B 223 4.26 -14.39 2.65
CA GLN B 223 4.61 -14.40 4.07
C GLN B 223 5.52 -15.57 4.47
N ARG B 224 5.42 -16.68 3.73
CA ARG B 224 6.03 -17.96 4.11
C ARG B 224 6.80 -18.59 2.95
N ASP B 225 7.60 -17.78 2.26
CA ASP B 225 8.47 -18.28 1.19
C ASP B 225 9.40 -19.35 1.79
N LYS B 226 9.45 -20.53 1.16
CA LYS B 226 10.31 -21.59 1.62
C LYS B 226 11.81 -21.31 1.46
N SER B 227 12.15 -20.35 0.62
CA SER B 227 13.53 -19.91 0.52
C SER B 227 13.98 -19.15 1.77
N CYS B 228 13.00 -18.59 2.49
CA CYS B 228 13.29 -17.72 3.63
C CYS B 228 12.97 -18.47 4.92
N SER B 229 12.50 -17.79 5.94
CA SER B 229 12.44 -18.39 7.27
C SER B 229 11.59 -19.68 7.27
N ALA B 230 10.46 -19.64 6.57
CA ALA B 230 9.51 -20.75 6.62
C ALA B 230 10.14 -22.07 6.21
N GLY B 231 11.11 -22.02 5.31
CA GLY B 231 11.75 -23.24 4.84
C GLY B 231 13.02 -23.65 5.56
N ASN B 232 13.43 -22.92 6.60
CA ASN B 232 14.79 -23.10 7.12
C ASN B 232 14.99 -24.26 8.09
N GLY B 233 13.89 -24.92 8.41
CA GLY B 233 13.97 -26.13 9.22
C GLY B 233 14.25 -25.88 10.71
N MET B 234 14.18 -24.61 11.13
CA MET B 234 14.42 -24.24 12.53
C MET B 234 13.10 -23.87 13.19
N TYR B 235 13.02 -24.03 14.51
CA TYR B 235 11.85 -23.62 15.25
C TYR B 235 12.28 -22.92 16.53
N ALA B 236 11.70 -21.74 16.78
CA ALA B 236 11.96 -20.95 17.97
C ALA B 236 13.44 -20.59 18.08
N VAL B 237 13.93 -20.40 19.31
CA VAL B 237 15.20 -19.71 19.51
C VAL B 237 16.38 -20.64 19.21
N THR B 238 16.99 -20.42 18.05
CA THR B 238 18.07 -21.24 17.51
C THR B 238 19.26 -20.31 17.18
N PRO B 239 20.39 -20.86 16.72
CA PRO B 239 21.62 -20.08 16.80
C PRO B 239 21.61 -18.76 16.00
N GLY B 240 20.90 -18.74 14.87
CA GLY B 240 20.81 -17.52 14.10
C GLY B 240 19.97 -16.41 14.70
N HIS B 241 19.27 -16.68 15.80
CA HIS B 241 18.36 -15.69 16.35
C HIS B 241 19.11 -14.48 16.91
N ILE B 242 20.36 -14.66 17.27
CA ILE B 242 21.10 -13.64 18.02
C ILE B 242 21.81 -12.61 17.13
N ALA B 243 21.55 -12.64 15.82
CA ALA B 243 22.11 -11.69 14.89
C ALA B 243 21.06 -11.38 13.82
N SER B 244 21.24 -10.25 13.13
CA SER B 244 20.37 -9.89 12.02
C SER B 244 21.13 -8.96 11.08
N PHE B 245 21.03 -9.22 9.79
CA PHE B 245 21.68 -8.38 8.78
C PHE B 245 23.08 -7.95 9.17
N GLY B 246 23.88 -8.94 9.56
CA GLY B 246 25.32 -8.74 9.77
C GLY B 246 25.66 -8.20 11.14
N VAL B 247 24.65 -7.96 11.98
CA VAL B 247 24.88 -7.40 13.32
C VAL B 247 24.55 -8.44 14.38
N VAL B 248 25.56 -8.83 15.16
CA VAL B 248 25.33 -9.64 16.33
C VAL B 248 24.83 -8.74 17.46
N MET B 249 23.68 -9.04 18.02
CA MET B 249 23.07 -8.12 18.98
C MET B 249 24.00 -7.94 20.17
N LEU B 250 24.10 -6.68 20.61
CA LEU B 250 24.99 -6.19 21.69
C LEU B 250 26.41 -5.86 21.21
N THR B 251 26.75 -6.18 19.97
CA THR B 251 28.11 -5.90 19.48
C THR B 251 28.25 -4.62 18.71
N ALA B 252 27.13 -3.99 18.32
CA ALA B 252 27.22 -2.86 17.41
C ALA B 252 27.78 -1.63 18.11
N GLY B 253 27.67 -1.56 19.43
CA GLY B 253 27.92 -0.33 20.17
C GLY B 253 26.78 0.66 20.00
N CYS B 254 27.13 1.95 20.01
CA CYS B 254 26.13 3.03 20.04
C CYS B 254 26.36 4.05 18.95
N GLY B 255 27.45 3.89 18.18
CA GLY B 255 27.78 4.79 17.09
C GLY B 255 28.23 6.17 17.55
N TYR B 256 28.82 6.23 18.74
CA TYR B 256 29.27 7.52 19.28
C TYR B 256 30.35 8.16 18.41
N LEU B 257 31.20 7.34 17.81
CA LEU B 257 32.32 7.83 16.99
C LEU B 257 31.91 8.02 15.53
S SO4 C . -1.88 15.60 -16.20
O1 SO4 C . -2.71 14.98 -17.23
O2 SO4 C . -0.91 16.46 -16.89
O3 SO4 C . -2.70 16.39 -15.28
O4 SO4 C . -1.15 14.59 -15.42
S SO4 D . -23.68 20.73 -28.17
O1 SO4 D . -24.69 19.67 -28.02
O2 SO4 D . -23.09 20.65 -29.49
O3 SO4 D . -24.32 22.04 -28.01
O4 SO4 D . -22.64 20.55 -27.17
S SO4 E . -21.34 11.09 1.00
O1 SO4 E . -20.17 11.94 1.17
O2 SO4 E . -21.04 9.75 0.47
O3 SO4 E . -22.06 10.96 2.27
O4 SO4 E . -22.26 11.78 0.08
C1 PEG F . -1.35 16.45 -29.79
O1 PEG F . -1.83 16.60 -28.43
C2 PEG F . -0.08 17.31 -29.98
O2 PEG F . 0.98 16.93 -29.06
C3 PEG F . 2.31 17.06 -29.58
C4 PEG F . 3.27 17.29 -28.41
O4 PEG F . 3.54 16.03 -27.78
C1 PEG G . -15.54 6.95 -32.75
O1 PEG G . -16.09 5.93 -33.61
C2 PEG G . -14.09 7.24 -33.16
O2 PEG G . -13.99 8.64 -33.43
C3 PEG G . -15.29 9.11 -33.80
C4 PEG G . -15.81 10.10 -32.78
O4 PEG G . -17.21 9.92 -32.55
C1 PEG H . -8.22 25.35 -8.73
O1 PEG H . -7.34 25.17 -7.63
C2 PEG H . -7.40 25.85 -9.91
O2 PEG H . -6.50 24.82 -10.32
C3 PEG H . -7.15 23.76 -11.05
C4 PEG H . -6.74 23.83 -12.52
O4 PEG H . -7.15 22.61 -13.16
C1 PEG I . 1.60 16.68 -18.77
O1 PEG I . 1.67 17.19 -17.44
C2 PEG I . 1.64 17.83 -19.77
O2 PEG I . 2.97 17.93 -20.26
C3 PEG I . 3.03 17.61 -21.64
C4 PEG I . 4.42 17.97 -22.17
O4 PEG I . 5.35 16.97 -21.78
C1 PEG J . -9.91 -7.80 4.80
O1 PEG J . -10.63 -6.74 5.46
C2 PEG J . -8.51 -7.35 4.39
O2 PEG J . -7.78 -8.41 3.75
C3 PEG J . -8.61 -9.34 3.06
C4 PEG J . -7.88 -10.03 1.90
O4 PEG J . -6.78 -9.24 1.40
S SO4 K . 3.96 -22.77 7.01
O1 SO4 K . 3.63 -21.59 7.82
O2 SO4 K . 5.16 -23.36 7.60
O3 SO4 K . 2.84 -23.71 7.05
O4 SO4 K . 4.22 -22.34 5.63
S SO4 L . 19.31 -21.13 6.34
O1 SO4 L . 20.69 -20.73 6.19
O2 SO4 L . 18.37 -20.30 5.59
O3 SO4 L . 19.14 -22.50 5.88
O4 SO4 L . 18.97 -21.17 7.75
OH2 1PE M . 29.30 -13.97 18.81
C12 1PE M . 28.10 -14.54 18.25
C22 1PE M . 28.26 -16.04 18.04
OH3 1PE M . 27.22 -16.48 17.15
C13 1PE M . 25.79 -18.33 16.39
C23 1PE M . 27.04 -17.90 17.17
OH4 1PE M . 25.64 -17.67 15.12
C14 1PE M . 25.92 -19.77 13.86
C24 1PE M . 26.31 -18.31 14.03
OH5 1PE M . 26.72 -20.35 12.82
C15 1PE M . 28.86 -20.34 11.66
C25 1PE M . 28.08 -19.90 12.89
OH6 1PE M . 30.24 -20.01 11.88
C16 1PE M . 31.60 -18.39 13.03
C26 1PE M . 30.41 -18.62 12.13
OH7 1PE M . 32.35 -17.27 12.53
#